data_7MPH
#
_entry.id   7MPH
#
_cell.length_a   61.885
_cell.length_b   87.102
_cell.length_c   136.413
_cell.angle_alpha   90.000
_cell.angle_beta   90.000
_cell.angle_gamma   90.000
#
_symmetry.space_group_name_H-M   'P 21 21 21'
#
loop_
_entity.id
_entity.type
_entity.pdbx_description
1 polymer 'Growth factor receptor-bound protein 2'
2 non-polymer '(4-{(10R,11E,14S,18S)-18-(2-amino-2-oxoethyl)-14-[(naphthalen-1-yl)methyl]-8,17,20-trioxo-7,16,19-triazaspiro[5.14]icos-11-en-10-yl}phenyl)acetic acid'
3 non-polymer 1,2-ETHANEDIOL
4 non-polymer 'SULFATE ION'
5 water water
#
_entity_poly.entity_id   1
_entity_poly.type   'polypeptide(L)'
_entity_poly.pdbx_seq_one_letter_code
;GPWFFGKIPRAKAEEMLSKQRHDGAFLIRESESAPGDFSLSVKFGNDVQHFKVLRDGAGKYFLWVVKFNSLNELVDYHRS
TSVSRNQQIFLRDIE
;
_entity_poly.pdbx_strand_id   A,B,C,D,E,F
#
# COMPACT_ATOMS: atom_id res chain seq x y z
N GLY A 1 8.15 7.71 25.40
CA GLY A 1 8.85 8.18 26.58
C GLY A 1 9.73 7.09 27.14
N PRO A 2 9.69 6.88 28.45
CA PRO A 2 10.43 5.77 29.04
C PRO A 2 9.67 4.47 28.82
N TRP A 3 10.42 3.37 28.73
CA TRP A 3 9.82 2.05 28.66
C TRP A 3 10.22 1.09 29.79
N PHE A 4 11.25 1.39 30.58
CA PHE A 4 11.63 0.49 31.66
C PHE A 4 10.98 0.95 32.94
N PHE A 5 10.22 0.07 33.59
CA PHE A 5 9.54 0.46 34.83
C PHE A 5 9.95 -0.38 36.04
N GLY A 6 11.11 -1.05 35.96
CA GLY A 6 11.62 -1.73 37.15
C GLY A 6 10.70 -2.83 37.60
N LYS A 7 10.53 -2.94 38.91
CA LYS A 7 9.71 -4.01 39.47
C LYS A 7 8.29 -3.54 39.74
N ILE A 8 7.62 -3.03 38.71
CA ILE A 8 6.25 -2.54 38.85
C ILE A 8 5.34 -3.75 38.78
N PRO A 9 4.35 -3.88 39.65
CA PRO A 9 3.49 -5.07 39.63
C PRO A 9 2.72 -5.20 38.33
N ARG A 10 2.80 -6.39 37.73
CA ARG A 10 2.03 -6.79 36.55
C ARG A 10 0.70 -6.04 36.45
N ALA A 11 -0.08 -6.07 37.54
CA ALA A 11 -1.39 -5.44 37.52
C ALA A 11 -1.29 -3.93 37.29
N LYS A 12 -0.33 -3.27 37.95
CA LYS A 12 -0.16 -1.84 37.72
C LYS A 12 0.34 -1.56 36.31
N ALA A 13 1.24 -2.41 35.80
CA ALA A 13 1.69 -2.25 34.42
C ALA A 13 0.52 -2.34 33.45
N GLU A 14 -0.39 -3.29 33.68
CA GLU A 14 -1.56 -3.46 32.83
C GLU A 14 -2.52 -2.29 32.97
N GLU A 15 -2.66 -1.76 34.19
CA GLU A 15 -3.47 -0.56 34.38
C GLU A 15 -2.89 0.61 33.59
N MET A 16 -1.58 0.80 33.66
CA MET A 16 -0.90 1.85 32.90
C MET A 16 -1.18 1.69 31.41
N LEU A 17 -0.85 0.53 30.87
CA LEU A 17 -0.92 0.24 29.45
C LEU A 17 -2.37 0.32 28.97
N SER A 18 -3.21 -0.60 29.44
CA SER A 18 -4.64 -0.65 29.13
C SER A 18 -5.33 0.69 28.91
N LYS A 19 -4.81 1.77 29.51
CA LYS A 19 -5.34 3.11 29.30
C LYS A 19 -4.71 3.85 28.11
N GLN A 20 -3.65 3.31 27.51
CA GLN A 20 -3.04 3.95 26.35
C GLN A 20 -3.97 3.99 25.15
N ARG A 21 -3.80 5.05 24.36
CA ARG A 21 -4.62 5.30 23.18
C ARG A 21 -4.11 4.60 21.93
N HIS A 22 -2.84 4.18 21.89
CA HIS A 22 -2.20 3.72 20.67
C HIS A 22 -1.77 2.26 20.76
N ASP A 23 -2.12 1.49 19.72
CA ASP A 23 -1.61 0.13 19.50
C ASP A 23 -0.09 0.08 19.35
N GLY A 24 0.62 -0.31 20.40
CA GLY A 24 2.06 -0.43 20.29
C GLY A 24 2.79 0.09 21.51
N ALA A 25 2.10 0.88 22.32
CA ALA A 25 2.65 1.33 23.59
C ALA A 25 3.03 0.13 24.44
N PHE A 26 4.20 0.22 25.07
CA PHE A 26 4.78 -0.94 25.71
C PHE A 26 5.58 -0.50 26.94
N LEU A 27 5.80 -1.47 27.84
CA LEU A 27 6.78 -1.29 28.91
C LEU A 27 7.51 -2.60 29.15
N ILE A 28 8.68 -2.51 29.76
CA ILE A 28 9.41 -3.67 30.27
C ILE A 28 9.47 -3.57 31.79
N ARG A 29 8.98 -4.61 32.46
CA ARG A 29 9.02 -4.76 33.90
C ARG A 29 10.02 -5.86 34.24
N GLU A 30 10.63 -5.78 35.43
CA GLU A 30 11.56 -6.79 35.91
C GLU A 30 10.94 -7.54 37.09
N SER A 31 11.03 -8.87 37.06
CA SER A 31 10.48 -9.70 38.12
C SER A 31 11.11 -9.38 39.47
N GLU A 32 10.27 -9.30 40.51
CA GLU A 32 10.81 -9.22 41.88
C GLU A 32 11.33 -10.57 42.36
N SER A 33 10.81 -11.66 41.80
CA SER A 33 11.21 -13.01 42.21
C SER A 33 12.58 -13.34 41.64
N ALA A 34 12.70 -13.31 40.31
CA ALA A 34 13.88 -13.72 39.56
C ALA A 34 14.67 -12.53 39.04
N PRO A 35 15.81 -12.19 39.63
CA PRO A 35 16.65 -11.12 39.07
C PRO A 35 16.99 -11.30 37.60
N GLY A 36 16.75 -10.24 36.84
CA GLY A 36 16.98 -10.20 35.40
C GLY A 36 15.98 -10.98 34.58
N ASP A 37 14.84 -11.40 35.15
CA ASP A 37 13.72 -11.92 34.39
C ASP A 37 12.83 -10.75 34.01
N PHE A 38 12.78 -10.41 32.73
CA PHE A 38 12.05 -9.26 32.26
C PHE A 38 10.82 -9.71 31.49
N SER A 39 9.79 -8.88 31.55
CA SER A 39 8.62 -9.09 30.74
C SER A 39 8.34 -7.82 29.97
N LEU A 40 7.83 -8.00 28.75
CA LEU A 40 7.40 -6.94 27.86
C LEU A 40 5.89 -6.98 27.77
N SER A 41 5.25 -5.88 28.14
CA SER A 41 3.81 -5.72 28.00
C SER A 41 3.52 -4.75 26.88
N VAL A 42 2.61 -5.12 25.97
CA VAL A 42 2.28 -4.33 24.78
C VAL A 42 0.76 -4.20 24.66
N LYS A 43 0.27 -2.98 24.46
CA LYS A 43 -1.16 -2.75 24.20
C LYS A 43 -1.50 -3.11 22.76
N PHE A 44 -2.61 -3.81 22.55
CA PHE A 44 -3.12 -4.09 21.21
C PHE A 44 -4.63 -4.25 21.23
N GLY A 45 -5.33 -3.40 20.49
CA GLY A 45 -6.78 -3.42 20.54
C GLY A 45 -7.27 -3.19 21.95
N ASN A 46 -8.16 -4.06 22.41
CA ASN A 46 -8.68 -3.97 23.77
C ASN A 46 -7.87 -4.76 24.79
N ASP A 47 -6.81 -5.44 24.36
CA ASP A 47 -6.04 -6.28 25.27
C ASP A 47 -4.63 -5.71 25.48
N VAL A 48 -3.95 -6.27 26.47
CA VAL A 48 -2.53 -6.07 26.69
C VAL A 48 -1.88 -7.46 26.66
N GLN A 49 -0.99 -7.67 25.69
CA GLN A 49 -0.28 -8.91 25.55
C GLN A 49 1.05 -8.88 26.29
N HIS A 50 1.46 -10.03 26.80
CA HIS A 50 2.65 -10.14 27.64
C HIS A 50 3.61 -11.16 27.05
N PHE A 51 4.86 -10.74 26.86
CA PHE A 51 5.93 -11.56 26.30
C PHE A 51 7.04 -11.71 27.31
N LYS A 52 7.41 -12.94 27.64
CA LYS A 52 8.58 -13.11 28.49
C LYS A 52 9.83 -12.81 27.67
N VAL A 53 10.76 -12.07 28.26
CA VAL A 53 12.06 -11.83 27.65
C VAL A 53 12.96 -12.98 28.06
N LEU A 54 13.21 -13.89 27.13
CA LEU A 54 13.95 -15.10 27.42
C LEU A 54 15.44 -14.82 27.45
N ARG A 55 16.18 -15.64 28.18
CA ARG A 55 17.63 -15.56 28.18
C ARG A 55 18.22 -16.90 27.77
N ASP A 56 19.29 -16.87 27.02
CA ASP A 56 19.94 -18.10 26.62
C ASP A 56 21.12 -18.34 27.56
N GLY A 57 21.91 -19.36 27.26
CA GLY A 57 22.97 -19.73 28.17
C GLY A 57 24.08 -18.72 28.27
N ALA A 58 24.12 -17.74 27.38
CA ALA A 58 25.06 -16.64 27.45
C ALA A 58 24.44 -15.37 28.02
N GLY A 59 23.20 -15.44 28.49
CA GLY A 59 22.55 -14.26 29.02
C GLY A 59 21.96 -13.34 27.97
N LYS A 60 21.99 -13.72 26.69
CA LYS A 60 21.40 -12.86 25.68
C LYS A 60 19.88 -12.90 25.82
N TYR A 61 19.23 -11.84 25.37
CA TYR A 61 17.78 -11.74 25.46
C TYR A 61 17.13 -12.02 24.12
N PHE A 62 15.98 -12.70 24.16
CA PHE A 62 15.22 -12.93 22.95
C PHE A 62 13.77 -13.22 23.30
N LEU A 63 12.90 -12.99 22.32
CA LEU A 63 11.48 -13.30 22.44
C LEU A 63 11.12 -14.61 21.76
N TRP A 64 11.68 -14.86 20.58
CA TRP A 64 11.42 -16.06 19.80
C TRP A 64 12.74 -16.70 19.39
N VAL A 65 13.47 -16.06 18.46
CA VAL A 65 14.72 -16.64 17.98
C VAL A 65 15.91 -15.70 18.04
N VAL A 66 15.78 -14.48 17.49
CA VAL A 66 16.94 -13.58 17.35
C VAL A 66 17.37 -13.05 18.71
N LYS A 67 18.68 -12.99 18.92
CA LYS A 67 19.26 -12.66 20.23
C LYS A 67 19.74 -11.21 20.28
N PHE A 68 19.66 -10.62 21.48
CA PHE A 68 20.12 -9.25 21.68
C PHE A 68 20.96 -9.17 22.94
N ASN A 69 21.99 -8.32 22.91
CA ASN A 69 22.82 -8.20 24.09
C ASN A 69 22.19 -7.33 25.16
N SER A 70 21.25 -6.46 24.78
CA SER A 70 20.65 -5.54 25.73
C SER A 70 19.16 -5.41 25.43
N LEU A 71 18.44 -4.98 26.47
CA LEU A 71 17.02 -4.69 26.32
C LEU A 71 16.81 -3.60 25.29
N ASN A 72 17.69 -2.60 25.28
CA ASN A 72 17.57 -1.50 24.33
C ASN A 72 17.59 -2.02 22.89
N GLU A 73 18.48 -2.97 22.59
CA GLU A 73 18.59 -3.50 21.24
C GLU A 73 17.33 -4.29 20.87
N LEU A 74 16.80 -5.06 21.81
CA LEU A 74 15.57 -5.80 21.57
C LEU A 74 14.42 -4.85 21.27
N VAL A 75 14.29 -3.80 22.08
CA VAL A 75 13.22 -2.82 21.88
C VAL A 75 13.35 -2.16 20.51
N ASP A 76 14.54 -1.65 20.18
CA ASP A 76 14.71 -0.95 18.91
C ASP A 76 14.47 -1.88 17.72
N TYR A 77 14.97 -3.13 17.79
CA TYR A 77 14.68 -4.08 16.72
C TYR A 77 13.18 -4.30 16.57
N HIS A 78 12.46 -4.43 17.68
CA HIS A 78 11.04 -4.68 17.57
C HIS A 78 10.22 -3.40 17.36
N ARG A 79 10.88 -2.26 17.16
CA ARG A 79 10.17 -1.10 16.61
C ARG A 79 9.86 -1.27 15.13
N SER A 80 10.56 -2.16 14.41
CA SER A 80 10.25 -2.39 13.01
C SER A 80 9.95 -3.84 12.67
N THR A 81 10.14 -4.77 13.61
CA THR A 81 9.80 -6.18 13.42
C THR A 81 8.84 -6.62 14.52
N SER A 82 7.77 -7.32 14.13
CA SER A 82 6.69 -7.63 15.06
C SER A 82 7.16 -8.48 16.23
N VAL A 83 6.62 -8.19 17.41
CA VAL A 83 6.93 -9.01 18.58
C VAL A 83 6.09 -10.28 18.66
N SER A 84 4.98 -10.35 17.91
CA SER A 84 4.05 -11.46 17.98
C SER A 84 3.96 -12.22 16.66
N ARG A 85 3.38 -13.41 16.75
CA ARG A 85 3.02 -14.18 15.55
C ARG A 85 1.68 -13.59 15.13
N ASN A 86 1.70 -12.25 15.00
CA ASN A 86 0.67 -11.28 14.73
C ASN A 86 1.42 -9.96 14.53
N GLN A 87 0.84 -9.02 13.78
CA GLN A 87 1.56 -7.79 13.46
C GLN A 87 1.49 -6.82 14.63
N GLN A 88 2.58 -6.74 15.41
CA GLN A 88 2.65 -5.97 16.66
C GLN A 88 3.94 -5.16 16.69
N ILE A 89 3.84 -3.85 16.49
CA ILE A 89 5.02 -2.98 16.42
C ILE A 89 4.89 -1.90 17.49
N PHE A 90 5.80 -0.92 17.51
CA PHE A 90 5.80 0.15 18.52
C PHE A 90 5.71 1.52 17.86
N GLY B 1 9.32 6.68 -4.70
CA GLY B 1 10.50 6.66 -3.86
C GLY B 1 11.76 6.26 -4.61
N PRO B 2 12.89 6.21 -3.91
CA PRO B 2 14.14 5.85 -4.57
C PRO B 2 14.35 4.35 -4.60
N TRP B 3 15.08 3.89 -5.63
CA TRP B 3 15.41 2.47 -5.68
C TRP B 3 16.85 2.13 -6.03
N PHE B 4 17.69 3.06 -6.46
CA PHE B 4 19.09 2.75 -6.72
C PHE B 4 19.94 3.21 -5.56
N PHE B 5 20.74 2.29 -5.01
CA PHE B 5 21.58 2.58 -3.85
C PHE B 5 23.05 2.30 -4.10
N GLY B 6 23.48 2.19 -5.35
CA GLY B 6 24.90 2.13 -5.58
C GLY B 6 25.54 0.88 -5.01
N LYS B 7 26.80 1.04 -4.58
CA LYS B 7 27.56 -0.08 -4.04
C LYS B 7 27.37 -0.16 -2.53
N ILE B 8 26.12 -0.42 -2.14
CA ILE B 8 25.73 -0.54 -0.75
C ILE B 8 26.01 -1.98 -0.32
N PRO B 9 26.58 -2.21 0.86
CA PRO B 9 26.88 -3.59 1.27
C PRO B 9 25.62 -4.43 1.40
N ARG B 10 25.62 -5.58 0.73
CA ARG B 10 24.59 -6.61 0.82
C ARG B 10 23.87 -6.64 2.17
N ALA B 11 24.64 -6.67 3.26
CA ALA B 11 24.05 -6.81 4.57
C ALA B 11 23.17 -5.61 4.93
N LYS B 12 23.68 -4.40 4.68
CA LYS B 12 22.88 -3.21 4.96
C LYS B 12 21.66 -3.14 4.05
N ALA B 13 21.82 -3.54 2.79
CA ALA B 13 20.70 -3.56 1.86
C ALA B 13 19.59 -4.50 2.35
N GLU B 14 19.97 -5.70 2.78
CA GLU B 14 18.94 -6.65 3.22
C GLU B 14 18.32 -6.22 4.54
N GLU B 15 19.11 -5.66 5.46
CA GLU B 15 18.55 -5.15 6.71
C GLU B 15 17.53 -4.04 6.44
N MET B 16 17.90 -3.08 5.58
CA MET B 16 16.99 -1.99 5.25
C MET B 16 15.71 -2.50 4.60
N LEU B 17 15.84 -3.38 3.60
CA LEU B 17 14.67 -3.86 2.86
C LEU B 17 13.76 -4.74 3.71
N SER B 18 14.31 -5.55 4.62
CA SER B 18 13.46 -6.42 5.43
C SER B 18 12.53 -5.64 6.35
N LYS B 19 12.87 -4.40 6.69
CA LYS B 19 12.01 -3.59 7.54
C LYS B 19 10.90 -2.89 6.79
N GLN B 20 10.88 -2.95 5.46
CA GLN B 20 9.79 -2.33 4.73
C GLN B 20 8.48 -3.04 5.02
N ARG B 21 7.40 -2.26 5.04
CA ARG B 21 6.09 -2.77 5.44
C ARG B 21 5.33 -3.45 4.31
N HIS B 22 5.72 -3.23 3.05
CA HIS B 22 4.91 -3.62 1.90
C HIS B 22 5.63 -4.67 1.05
N ASP B 23 4.89 -5.71 0.68
CA ASP B 23 5.38 -6.65 -0.32
C ASP B 23 5.67 -5.93 -1.63
N GLY B 24 6.82 -6.23 -2.22
CA GLY B 24 7.22 -5.60 -3.45
C GLY B 24 8.21 -4.46 -3.29
N ALA B 25 8.41 -3.95 -2.08
CA ALA B 25 9.47 -2.97 -1.85
C ALA B 25 10.80 -3.56 -2.29
N PHE B 26 11.59 -2.75 -3.00
CA PHE B 26 12.78 -3.27 -3.66
C PHE B 26 13.87 -2.22 -3.71
N LEU B 27 15.11 -2.69 -3.92
CA LEU B 27 16.20 -1.81 -4.32
C LEU B 27 17.10 -2.55 -5.31
N ILE B 28 17.87 -1.77 -6.08
CA ILE B 28 18.93 -2.28 -6.94
C ILE B 28 20.28 -1.80 -6.41
N ARG B 29 21.17 -2.75 -6.15
CA ARG B 29 22.54 -2.48 -5.74
C ARG B 29 23.51 -2.84 -6.85
N GLU B 30 24.68 -2.20 -6.85
CA GLU B 30 25.75 -2.47 -7.79
C GLU B 30 26.92 -3.13 -7.07
N SER B 31 27.44 -4.21 -7.65
CA SER B 31 28.55 -4.94 -7.05
C SER B 31 29.79 -4.07 -6.90
N GLU B 32 30.41 -4.16 -5.72
CA GLU B 32 31.71 -3.51 -5.51
C GLU B 32 32.80 -4.23 -6.29
N SER B 33 32.62 -5.52 -6.53
CA SER B 33 33.61 -6.35 -7.22
C SER B 33 33.55 -6.11 -8.73
N ALA B 34 32.39 -6.37 -9.33
CA ALA B 34 32.23 -6.39 -10.78
C ALA B 34 31.52 -5.13 -11.26
N PRO B 35 32.20 -4.22 -11.94
CA PRO B 35 31.53 -3.03 -12.48
C PRO B 35 30.33 -3.37 -13.37
N GLY B 36 29.18 -2.80 -13.06
CA GLY B 36 27.95 -3.06 -13.79
C GLY B 36 27.29 -4.38 -13.53
N ASP B 37 27.67 -5.06 -12.45
CA ASP B 37 26.94 -6.24 -11.98
C ASP B 37 25.90 -5.74 -10.99
N PHE B 38 24.62 -5.85 -11.33
CA PHE B 38 23.55 -5.32 -10.51
C PHE B 38 22.74 -6.45 -9.90
N SER B 39 22.18 -6.17 -8.72
CA SER B 39 21.26 -7.09 -8.08
C SER B 39 19.99 -6.38 -7.69
N LEU B 40 18.86 -7.09 -7.78
CA LEU B 40 17.56 -6.60 -7.36
C LEU B 40 17.12 -7.39 -6.14
N SER B 41 16.89 -6.68 -5.03
CA SER B 41 16.37 -7.25 -3.80
C SER B 41 14.93 -6.80 -3.62
N VAL B 42 14.03 -7.75 -3.36
CA VAL B 42 12.60 -7.48 -3.28
C VAL B 42 12.05 -8.09 -1.98
N LYS B 43 11.31 -7.31 -1.21
CA LYS B 43 10.64 -7.82 -0.03
C LYS B 43 9.43 -8.64 -0.44
N PHE B 44 9.24 -9.79 0.19
CA PHE B 44 8.04 -10.59 -0.06
C PHE B 44 7.72 -11.41 1.19
N GLY B 45 6.56 -11.17 1.77
CA GLY B 45 6.22 -11.82 3.04
C GLY B 45 7.25 -11.46 4.09
N ASN B 46 7.75 -12.47 4.79
CA ASN B 46 8.77 -12.25 5.81
C ASN B 46 10.19 -12.34 5.26
N ASP B 47 10.36 -12.59 3.97
CA ASP B 47 11.70 -12.78 3.39
C ASP B 47 12.06 -11.65 2.44
N VAL B 48 13.33 -11.61 2.07
CA VAL B 48 13.82 -10.72 1.02
C VAL B 48 14.45 -11.63 -0.04
N GLN B 49 13.87 -11.63 -1.23
CA GLN B 49 14.36 -12.43 -2.35
C GLN B 49 15.35 -11.62 -3.17
N HIS B 50 16.31 -12.33 -3.79
CA HIS B 50 17.42 -11.72 -4.50
C HIS B 50 17.50 -12.24 -5.92
N PHE B 51 17.51 -11.33 -6.90
CA PHE B 51 17.57 -11.63 -8.32
C PHE B 51 18.80 -10.98 -8.92
N LYS B 52 19.68 -11.78 -9.53
CA LYS B 52 20.81 -11.20 -10.26
C LYS B 52 20.29 -10.55 -11.55
N VAL B 53 20.75 -9.34 -11.85
CA VAL B 53 20.43 -8.71 -13.12
C VAL B 53 21.48 -9.16 -14.11
N LEU B 54 21.09 -10.06 -15.01
CA LEU B 54 22.00 -10.63 -15.98
C LEU B 54 22.18 -9.65 -17.14
N ARG B 55 23.33 -9.78 -17.83
CA ARG B 55 23.63 -9.02 -19.02
C ARG B 55 23.91 -9.98 -20.17
N ASP B 56 23.46 -9.62 -21.37
CA ASP B 56 23.72 -10.49 -22.50
C ASP B 56 24.94 -9.93 -23.21
N GLY B 57 25.28 -10.53 -24.34
CA GLY B 57 26.50 -10.15 -25.02
C GLY B 57 26.46 -8.77 -25.62
N ALA B 58 25.29 -8.13 -25.69
CA ALA B 58 25.18 -6.75 -26.12
C ALA B 58 25.01 -5.81 -24.93
N GLY B 59 25.11 -6.33 -23.72
CA GLY B 59 24.96 -5.50 -22.54
C GLY B 59 23.54 -5.25 -22.10
N LYS B 60 22.55 -5.87 -22.73
CA LYS B 60 21.18 -5.68 -22.27
C LYS B 60 20.98 -6.41 -20.95
N TYR B 61 20.00 -5.93 -20.18
CA TYR B 61 19.70 -6.47 -18.87
C TYR B 61 18.46 -7.34 -18.90
N PHE B 62 18.48 -8.43 -18.13
CA PHE B 62 17.32 -9.29 -18.02
C PHE B 62 17.41 -10.08 -16.72
N LEU B 63 16.25 -10.54 -16.26
CA LEU B 63 16.16 -11.42 -15.11
C LEU B 63 15.99 -12.87 -15.52
N TRP B 64 15.17 -13.12 -16.54
CA TRP B 64 14.87 -14.46 -17.02
C TRP B 64 15.11 -14.49 -18.54
N VAL B 65 14.20 -13.88 -19.29
CA VAL B 65 14.31 -13.89 -20.76
C VAL B 65 14.25 -12.50 -21.41
N VAL B 66 13.25 -11.68 -21.06
CA VAL B 66 13.02 -10.44 -21.79
C VAL B 66 14.10 -9.40 -21.50
N LYS B 67 14.55 -8.72 -22.55
CA LYS B 67 15.70 -7.84 -22.49
C LYS B 67 15.29 -6.38 -22.37
N PHE B 68 16.10 -5.62 -21.64
CA PHE B 68 15.90 -4.19 -21.41
C PHE B 68 17.21 -3.45 -21.63
N ASN B 69 17.14 -2.25 -22.17
CA ASN B 69 18.37 -1.48 -22.37
C ASN B 69 18.83 -0.78 -21.11
N SER B 70 17.92 -0.54 -20.15
CA SER B 70 18.24 0.23 -18.96
C SER B 70 17.57 -0.40 -17.75
N LEU B 71 18.14 -0.10 -16.58
CA LEU B 71 17.55 -0.55 -15.32
C LEU B 71 16.15 0.04 -15.13
N ASN B 72 15.97 1.31 -15.50
CA ASN B 72 14.67 1.95 -15.37
C ASN B 72 13.59 1.19 -16.14
N GLU B 73 13.91 0.76 -17.36
CA GLU B 73 12.94 0.01 -18.15
C GLU B 73 12.62 -1.33 -17.52
N LEU B 74 13.63 -2.02 -17.01
CA LEU B 74 13.42 -3.29 -16.32
C LEU B 74 12.49 -3.11 -15.14
N VAL B 75 12.76 -2.08 -14.32
CA VAL B 75 11.92 -1.78 -13.16
C VAL B 75 10.49 -1.52 -13.58
N ASP B 76 10.30 -0.61 -14.56
CA ASP B 76 8.94 -0.26 -14.95
C ASP B 76 8.18 -1.48 -15.47
N TYR B 77 8.84 -2.32 -16.26
CA TYR B 77 8.19 -3.54 -16.72
C TYR B 77 7.77 -4.40 -15.54
N HIS B 78 8.65 -4.57 -14.57
CA HIS B 78 8.36 -5.46 -13.45
C HIS B 78 7.52 -4.80 -12.36
N ARG B 79 7.04 -3.57 -12.56
CA ARG B 79 5.98 -3.06 -11.70
C ARG B 79 4.64 -3.75 -12.00
N SER B 80 4.47 -4.31 -13.19
CA SER B 80 3.22 -4.97 -13.57
C SER B 80 3.38 -6.42 -14.01
N THR B 81 4.59 -6.93 -14.19
CA THR B 81 4.85 -8.33 -14.49
C THR B 81 5.76 -8.91 -13.43
N SER B 82 5.42 -10.09 -12.92
CA SER B 82 6.11 -10.63 -11.76
C SER B 82 7.58 -10.87 -12.05
N VAL B 83 8.41 -10.61 -11.03
CA VAL B 83 9.84 -10.90 -11.13
C VAL B 83 10.15 -12.37 -10.89
N SER B 84 9.21 -13.15 -10.38
CA SER B 84 9.44 -14.55 -10.07
C SER B 84 8.60 -15.45 -10.95
N ARG B 85 9.14 -16.64 -11.23
CA ARG B 85 8.44 -17.67 -11.99
C ARG B 85 7.61 -18.58 -11.09
N ASN B 86 7.49 -18.23 -9.81
CA ASN B 86 6.77 -19.02 -8.81
C ASN B 86 5.71 -18.11 -8.20
N GLN B 87 6.12 -17.30 -7.24
CA GLN B 87 5.26 -16.33 -6.59
C GLN B 87 5.12 -15.09 -7.46
N GLN B 88 3.95 -14.46 -7.38
CA GLN B 88 3.65 -13.28 -8.18
C GLN B 88 4.08 -12.06 -7.38
N ILE B 89 5.24 -11.50 -7.73
CA ILE B 89 5.83 -10.41 -6.97
C ILE B 89 6.01 -9.23 -7.92
N PHE B 90 5.58 -8.05 -7.48
CA PHE B 90 5.61 -6.85 -8.29
C PHE B 90 6.36 -5.75 -7.54
N LEU B 91 7.21 -5.01 -8.26
CA LEU B 91 8.03 -4.00 -7.64
C LEU B 91 7.19 -2.83 -7.13
N ARG B 92 7.45 -2.39 -5.90
CA ARG B 92 6.76 -1.27 -5.29
C ARG B 92 7.77 -0.33 -4.62
N ASP B 93 7.38 0.92 -4.47
CA ASP B 93 8.28 1.97 -4.02
C ASP B 93 8.52 1.91 -2.51
N ILE B 94 9.52 2.68 -2.07
CA ILE B 94 9.87 2.81 -0.66
C ILE B 94 9.46 4.19 -0.15
N GLY C 1 -15.39 -3.68 14.38
CA GLY C 1 -14.99 -3.20 13.07
C GLY C 1 -16.08 -3.39 12.02
N PRO C 2 -15.91 -2.77 10.85
CA PRO C 2 -16.97 -2.81 9.84
C PRO C 2 -16.75 -3.94 8.84
N TRP C 3 -17.85 -4.35 8.21
CA TRP C 3 -17.83 -5.35 7.14
C TRP C 3 -17.90 -4.61 5.82
N PHE C 4 -17.01 -4.98 4.90
CA PHE C 4 -17.00 -4.48 3.54
C PHE C 4 -17.41 -5.61 2.60
N PHE C 5 -18.29 -5.30 1.65
CA PHE C 5 -18.55 -6.26 0.57
C PHE C 5 -18.38 -5.57 -0.78
N GLY C 6 -17.99 -6.34 -1.78
CA GLY C 6 -17.98 -5.86 -3.15
C GLY C 6 -18.03 -7.01 -4.15
N LYS C 7 -18.03 -6.63 -5.42
CA LYS C 7 -18.08 -7.58 -6.54
C LYS C 7 -16.66 -7.86 -6.98
N ILE C 8 -15.98 -8.70 -6.22
CA ILE C 8 -14.62 -9.13 -6.51
C ILE C 8 -14.62 -10.45 -7.29
N PRO C 9 -13.83 -10.58 -8.35
CA PRO C 9 -13.76 -11.88 -9.05
C PRO C 9 -13.19 -12.94 -8.13
N ARG C 10 -13.86 -14.11 -8.11
CA ARG C 10 -13.40 -15.25 -7.32
C ARG C 10 -11.89 -15.42 -7.37
N ALA C 11 -11.29 -15.37 -8.56
CA ALA C 11 -9.87 -15.62 -8.66
C ALA C 11 -9.07 -14.57 -7.88
N LYS C 12 -9.43 -13.29 -8.01
CA LYS C 12 -8.71 -12.27 -7.25
C LYS C 12 -8.97 -12.39 -5.75
N ALA C 13 -10.22 -12.69 -5.37
CA ALA C 13 -10.53 -12.89 -3.96
C ALA C 13 -9.69 -14.02 -3.39
N GLU C 14 -9.55 -15.10 -4.14
CA GLU C 14 -8.78 -16.25 -3.66
C GLU C 14 -7.29 -15.96 -3.63
N GLU C 15 -6.79 -15.19 -4.60
CA GLU C 15 -5.38 -14.79 -4.55
C GLU C 15 -5.11 -13.94 -3.32
N MET C 16 -5.97 -12.94 -3.08
CA MET C 16 -5.85 -12.06 -1.92
C MET C 16 -5.91 -12.88 -0.63
N LEU C 17 -6.87 -13.80 -0.55
CA LEU C 17 -7.01 -14.63 0.63
C LEU C 17 -5.78 -15.52 0.83
N SER C 18 -5.20 -16.03 -0.25
CA SER C 18 -4.02 -16.87 -0.14
C SER C 18 -2.79 -16.07 0.26
N LYS C 19 -2.78 -14.76 0.00
CA LYS C 19 -1.66 -13.94 0.44
C LYS C 19 -1.75 -13.56 1.91
N GLN C 20 -2.86 -13.88 2.58
CA GLN C 20 -2.98 -13.65 4.01
C GLN C 20 -1.95 -14.51 4.74
N ARG C 21 -1.49 -14.03 5.90
CA ARG C 21 -0.42 -14.72 6.57
C ARG C 21 -0.87 -15.91 7.41
N HIS C 22 -2.11 -15.96 7.85
CA HIS C 22 -2.53 -16.95 8.83
C HIS C 22 -3.65 -17.84 8.30
N ASP C 23 -3.48 -19.15 8.51
CA ASP C 23 -4.55 -20.10 8.23
C ASP C 23 -5.80 -19.70 9.00
N GLY C 24 -6.94 -19.80 8.33
CA GLY C 24 -8.21 -19.41 8.92
C GLY C 24 -8.74 -18.09 8.43
N ALA C 25 -7.90 -17.25 7.81
CA ALA C 25 -8.41 -16.05 7.17
C ALA C 25 -9.48 -16.43 6.16
N PHE C 26 -10.57 -15.67 6.13
CA PHE C 26 -11.72 -16.14 5.38
C PHE C 26 -12.47 -14.96 4.76
N LEU C 27 -13.30 -15.30 3.79
CA LEU C 27 -14.28 -14.40 3.21
C LEU C 27 -15.60 -15.14 3.14
N ILE C 28 -16.69 -14.41 3.03
CA ILE C 28 -18.01 -15.00 2.81
C ILE C 28 -18.41 -14.65 1.38
N ARG C 29 -18.81 -15.67 0.62
CA ARG C 29 -19.29 -15.48 -0.74
C ARG C 29 -20.80 -15.54 -0.70
N GLU C 30 -21.45 -14.66 -1.46
CA GLU C 30 -22.90 -14.64 -1.57
C GLU C 30 -23.29 -15.01 -2.98
N SER C 31 -24.24 -15.93 -3.11
CA SER C 31 -24.62 -16.42 -4.42
C SER C 31 -25.05 -15.30 -5.34
N GLU C 32 -24.61 -15.42 -6.59
CA GLU C 32 -25.06 -14.55 -7.66
C GLU C 32 -26.49 -14.87 -8.07
N SER C 33 -26.85 -16.15 -8.12
CA SER C 33 -28.15 -16.58 -8.58
C SER C 33 -29.22 -16.53 -7.50
N ALA C 34 -28.82 -16.60 -6.22
CA ALA C 34 -29.73 -16.83 -5.11
C ALA C 34 -29.36 -15.91 -3.95
N PRO C 35 -29.84 -14.68 -3.96
CA PRO C 35 -29.53 -13.74 -2.86
C PRO C 35 -29.77 -14.35 -1.49
N GLY C 36 -28.78 -14.17 -0.61
CA GLY C 36 -28.73 -14.70 0.73
C GLY C 36 -28.35 -16.17 0.83
N ASP C 37 -27.86 -16.79 -0.24
CA ASP C 37 -27.22 -18.11 -0.18
C ASP C 37 -25.72 -17.90 -0.02
N PHE C 38 -25.12 -18.49 1.03
CA PHE C 38 -23.73 -18.19 1.38
C PHE C 38 -22.80 -19.40 1.39
N SER C 39 -21.52 -19.12 1.13
CA SER C 39 -20.45 -20.09 1.41
C SER C 39 -19.28 -19.36 2.07
N LEU C 40 -18.44 -20.11 2.78
CA LEU C 40 -17.23 -19.61 3.40
C LEU C 40 -16.01 -20.05 2.60
N SER C 41 -15.14 -19.11 2.25
CA SER C 41 -13.85 -19.41 1.64
C SER C 41 -12.79 -19.17 2.70
N VAL C 42 -12.01 -20.21 3.02
CA VAL C 42 -11.10 -20.20 4.17
C VAL C 42 -9.70 -20.60 3.71
N LYS C 43 -8.70 -19.80 4.07
CA LYS C 43 -7.33 -20.12 3.72
C LYS C 43 -6.79 -21.29 4.52
N PHE C 44 -6.06 -22.18 3.84
CA PHE C 44 -5.30 -23.22 4.51
C PHE C 44 -4.09 -23.51 3.63
N GLY C 45 -2.91 -23.16 4.12
CA GLY C 45 -1.70 -23.24 3.30
C GLY C 45 -1.85 -22.43 2.04
N ASN C 46 -1.51 -23.05 0.90
CA ASN C 46 -1.64 -22.43 -0.41
C ASN C 46 -3.01 -22.65 -1.00
N ASP C 47 -3.90 -23.31 -0.26
CA ASP C 47 -5.21 -23.66 -0.78
C ASP C 47 -6.27 -22.80 -0.11
N VAL C 48 -7.45 -22.78 -0.70
CA VAL C 48 -8.64 -22.17 -0.12
C VAL C 48 -9.72 -23.24 -0.08
N GLN C 49 -10.15 -23.59 1.12
CA GLN C 49 -11.22 -24.56 1.32
C GLN C 49 -12.56 -23.85 1.33
N HIS C 50 -13.59 -24.55 0.86
CA HIS C 50 -14.91 -23.97 0.66
C HIS C 50 -15.94 -24.75 1.46
N PHE C 51 -16.70 -24.03 2.29
CA PHE C 51 -17.75 -24.60 3.14
C PHE C 51 -19.08 -23.97 2.78
N LYS C 52 -20.03 -24.78 2.34
CA LYS C 52 -21.36 -24.26 2.05
C LYS C 52 -22.09 -23.95 3.34
N VAL C 53 -22.75 -22.79 3.41
CA VAL C 53 -23.60 -22.52 4.56
C VAL C 53 -24.93 -23.20 4.29
N LEU C 54 -25.18 -24.32 4.98
CA LEU C 54 -26.37 -25.12 4.74
C LEU C 54 -27.55 -24.54 5.52
N ARG C 55 -28.76 -24.75 5.00
CA ARG C 55 -29.98 -24.31 5.66
C ARG C 55 -30.92 -25.50 5.80
N ASP C 56 -31.60 -25.61 6.94
CA ASP C 56 -32.55 -26.69 7.11
C ASP C 56 -33.98 -26.17 6.97
N GLY C 57 -34.94 -27.04 7.24
CA GLY C 57 -36.34 -26.71 7.08
C GLY C 57 -36.88 -25.75 8.12
N ALA C 58 -36.12 -25.46 9.16
CA ALA C 58 -36.53 -24.44 10.11
C ALA C 58 -35.78 -23.13 9.88
N GLY C 59 -35.00 -23.03 8.82
CA GLY C 59 -34.25 -21.83 8.54
C GLY C 59 -32.94 -21.71 9.29
N LYS C 60 -32.51 -22.75 9.99
CA LYS C 60 -31.24 -22.69 10.71
C LYS C 60 -30.07 -22.72 9.75
N TYR C 61 -28.93 -22.25 10.24
CA TYR C 61 -27.68 -22.26 9.49
C TYR C 61 -26.75 -23.30 10.10
N PHE C 62 -26.03 -24.05 9.24
CA PHE C 62 -25.08 -25.01 9.78
C PHE C 62 -24.05 -25.37 8.71
N LEU C 63 -22.91 -25.89 9.17
CA LEU C 63 -21.87 -26.46 8.31
C LEU C 63 -21.84 -27.98 8.33
N TRP C 64 -21.96 -28.58 9.53
CA TRP C 64 -21.83 -30.03 9.69
C TRP C 64 -23.00 -30.60 10.46
N VAL C 65 -23.01 -30.41 11.78
CA VAL C 65 -24.05 -30.95 12.64
C VAL C 65 -24.71 -29.86 13.48
N VAL C 66 -23.92 -29.04 14.15
CA VAL C 66 -24.49 -28.04 15.07
C VAL C 66 -25.22 -26.98 14.27
N LYS C 67 -26.43 -26.63 14.72
CA LYS C 67 -27.28 -25.66 14.03
C LYS C 67 -27.23 -24.32 14.77
N PHE C 68 -27.35 -23.24 14.00
CA PHE C 68 -27.29 -21.87 14.52
C PHE C 68 -28.46 -21.07 13.96
N ASN C 69 -28.91 -20.08 14.75
CA ASN C 69 -30.04 -19.26 14.34
C ASN C 69 -29.68 -18.16 13.35
N SER C 70 -28.38 -17.85 13.19
CA SER C 70 -27.97 -16.79 12.28
C SER C 70 -26.63 -17.12 11.66
N LEU C 71 -26.33 -16.44 10.55
CA LEU C 71 -25.00 -16.54 9.96
C LEU C 71 -23.92 -16.06 10.92
N ASN C 72 -24.18 -14.95 11.62
CA ASN C 72 -23.22 -14.42 12.58
C ASN C 72 -22.90 -15.44 13.65
N GLU C 73 -23.92 -16.14 14.15
CA GLU C 73 -23.67 -17.12 15.21
C GLU C 73 -22.80 -18.26 14.70
N LEU C 74 -23.06 -18.74 13.48
CA LEU C 74 -22.25 -19.79 12.88
C LEU C 74 -20.79 -19.36 12.74
N VAL C 75 -20.57 -18.16 12.18
CA VAL C 75 -19.21 -17.65 12.00
C VAL C 75 -18.52 -17.50 13.35
N ASP C 76 -19.16 -16.82 14.29
CA ASP C 76 -18.53 -16.53 15.56
C ASP C 76 -18.23 -17.82 16.32
N TYR C 77 -19.14 -18.80 16.26
CA TYR C 77 -18.85 -20.11 16.84
C TYR C 77 -17.59 -20.68 16.25
N HIS C 78 -17.43 -20.58 14.92
CA HIS C 78 -16.25 -21.20 14.31
C HIS C 78 -15.02 -20.32 14.39
N ARG C 79 -15.09 -19.18 15.07
CA ARG C 79 -13.86 -18.51 15.43
C ARG C 79 -13.13 -19.22 16.58
N SER C 80 -13.83 -20.04 17.38
CA SER C 80 -13.20 -20.76 18.48
C SER C 80 -13.37 -22.27 18.41
N THR C 81 -14.18 -22.78 17.48
CA THR C 81 -14.30 -24.21 17.22
C THR C 81 -13.96 -24.45 15.76
N SER C 82 -13.13 -25.47 15.50
CA SER C 82 -12.56 -25.66 14.18
C SER C 82 -13.65 -25.91 13.14
N VAL C 83 -13.42 -25.41 11.93
CA VAL C 83 -14.33 -25.73 10.82
C VAL C 83 -14.05 -27.11 10.26
N SER C 84 -12.89 -27.68 10.54
CA SER C 84 -12.51 -28.99 10.00
C SER C 84 -12.37 -30.02 11.12
N ARG C 85 -12.71 -31.27 10.81
CA ARG C 85 -12.60 -32.40 11.73
C ARG C 85 -11.25 -33.11 11.67
N ASN C 86 -10.30 -32.57 10.93
CA ASN C 86 -8.99 -33.18 10.76
C ASN C 86 -7.98 -32.14 11.19
N GLN C 87 -7.75 -31.17 10.31
CA GLN C 87 -6.86 -30.04 10.59
C GLN C 87 -7.62 -29.01 11.42
N GLN C 88 -6.91 -28.35 12.32
CA GLN C 88 -7.53 -27.39 13.25
C GLN C 88 -7.44 -26.01 12.62
N ILE C 89 -8.58 -25.55 12.09
CA ILE C 89 -8.68 -24.27 11.38
C ILE C 89 -9.77 -23.46 12.06
N PHE C 90 -9.45 -22.21 12.38
CA PHE C 90 -10.34 -21.30 13.08
C PHE C 90 -10.51 -20.04 12.24
N LEU C 91 -11.74 -19.59 12.07
CA LEU C 91 -12.00 -18.40 11.28
C LEU C 91 -11.31 -17.20 11.92
N ARG C 92 -10.61 -16.40 11.10
CA ARG C 92 -10.00 -15.16 11.56
C ARG C 92 -10.25 -14.08 10.52
N ASP C 93 -10.39 -12.85 10.99
CA ASP C 93 -10.65 -11.76 10.07
C ASP C 93 -9.45 -11.53 9.14
N ILE C 94 -9.75 -10.95 7.98
CA ILE C 94 -8.71 -10.48 7.07
C ILE C 94 -7.79 -9.51 7.78
N GLU C 95 -6.48 -9.67 7.60
CA GLU C 95 -5.49 -8.67 8.01
C GLU C 95 -5.07 -7.84 6.81
N GLY D 1 -19.36 -10.73 -10.09
CA GLY D 1 -20.28 -11.86 -10.17
C GLY D 1 -20.94 -12.13 -8.85
N PRO D 2 -20.27 -12.87 -7.97
CA PRO D 2 -20.72 -12.99 -6.59
C PRO D 2 -20.23 -11.82 -5.73
N TRP D 3 -20.90 -11.63 -4.61
CA TRP D 3 -20.44 -10.70 -3.60
C TRP D 3 -19.48 -11.45 -2.69
N PHE D 4 -18.35 -10.84 -2.37
CA PHE D 4 -17.46 -11.32 -1.33
C PHE D 4 -17.49 -10.33 -0.16
N PHE D 5 -17.59 -10.86 1.07
CA PHE D 5 -17.63 -10.10 2.33
C PHE D 5 -16.40 -10.41 3.17
N GLY D 6 -15.92 -9.39 3.89
CA GLY D 6 -14.91 -9.64 4.89
C GLY D 6 -14.69 -8.40 5.74
N LYS D 7 -14.14 -8.63 6.95
CA LYS D 7 -13.85 -7.54 7.88
C LYS D 7 -12.44 -7.07 7.60
N ILE D 8 -12.31 -6.32 6.52
CA ILE D 8 -11.03 -5.73 6.13
C ILE D 8 -10.86 -4.39 6.84
N PRO D 9 -9.66 -4.07 7.35
CA PRO D 9 -9.48 -2.79 8.05
C PRO D 9 -9.73 -1.61 7.13
N ARG D 10 -10.59 -0.69 7.59
CA ARG D 10 -10.90 0.58 6.93
C ARG D 10 -9.78 1.16 6.07
N ALA D 11 -8.58 1.30 6.66
CA ALA D 11 -7.49 1.95 5.95
C ALA D 11 -7.06 1.14 4.73
N LYS D 12 -6.97 -0.18 4.88
CA LYS D 12 -6.64 -1.03 3.75
C LYS D 12 -7.76 -1.07 2.73
N ALA D 13 -9.01 -1.04 3.18
CA ALA D 13 -10.11 -0.97 2.22
C ALA D 13 -10.01 0.26 1.34
N GLU D 14 -9.76 1.43 1.97
CA GLU D 14 -9.70 2.66 1.19
C GLU D 14 -8.46 2.71 0.30
N GLU D 15 -7.32 2.22 0.79
CA GLU D 15 -6.13 2.16 -0.06
C GLU D 15 -6.36 1.23 -1.26
N MET D 16 -6.97 0.07 -1.02
CA MET D 16 -7.29 -0.85 -2.11
C MET D 16 -8.18 -0.17 -3.15
N LEU D 17 -9.23 0.52 -2.71
CA LEU D 17 -10.13 1.18 -3.66
C LEU D 17 -9.39 2.27 -4.44
N SER D 18 -8.67 3.15 -3.74
CA SER D 18 -7.96 4.22 -4.44
C SER D 18 -6.95 3.66 -5.43
N LYS D 19 -6.47 2.44 -5.21
CA LYS D 19 -5.53 1.78 -6.11
C LYS D 19 -6.23 1.04 -7.26
N GLN D 20 -7.56 0.98 -7.27
CA GLN D 20 -8.25 0.39 -8.41
C GLN D 20 -8.01 1.24 -9.65
N ARG D 21 -8.05 0.60 -10.82
CA ARG D 21 -7.72 1.32 -12.04
C ARG D 21 -8.86 2.18 -12.58
N HIS D 22 -10.12 1.92 -12.18
CA HIS D 22 -11.27 2.58 -12.77
C HIS D 22 -12.05 3.37 -11.72
N ASP D 23 -12.32 4.65 -12.00
CA ASP D 23 -13.22 5.43 -11.16
C ASP D 23 -14.57 4.75 -11.09
N GLY D 24 -15.19 4.78 -9.92
CA GLY D 24 -16.47 4.14 -9.71
C GLY D 24 -16.36 2.76 -9.07
N ALA D 25 -15.18 2.15 -9.08
CA ALA D 25 -14.97 0.91 -8.35
C ALA D 25 -15.39 1.13 -6.91
N PHE D 26 -16.08 0.14 -6.34
CA PHE D 26 -16.73 0.41 -5.05
C PHE D 26 -16.73 -0.80 -4.15
N LEU D 27 -16.97 -0.50 -2.88
CA LEU D 27 -17.31 -1.47 -1.85
C LEU D 27 -18.51 -0.90 -1.10
N ILE D 28 -19.24 -1.78 -0.43
CA ILE D 28 -20.31 -1.36 0.47
C ILE D 28 -19.83 -1.62 1.88
N ARG D 29 -19.95 -0.62 2.74
CA ARG D 29 -19.55 -0.73 4.14
C ARG D 29 -20.80 -0.89 5.01
N GLU D 30 -20.72 -1.82 5.94
CA GLU D 30 -21.78 -2.10 6.90
C GLU D 30 -21.25 -1.65 8.24
N SER D 31 -21.77 -0.54 8.74
CA SER D 31 -21.30 0.00 10.01
C SER D 31 -21.63 -0.97 11.14
N GLU D 32 -20.63 -1.23 12.01
CA GLU D 32 -20.89 -1.99 13.22
C GLU D 32 -21.57 -1.14 14.29
N SER D 33 -21.24 0.16 14.35
CA SER D 33 -21.71 1.05 15.40
C SER D 33 -23.13 1.55 15.17
N ALA D 34 -23.63 1.50 13.95
CA ALA D 34 -24.91 2.09 13.58
C ALA D 34 -25.97 1.02 13.50
N PRO D 35 -27.26 1.40 13.48
CA PRO D 35 -28.33 0.41 13.26
C PRO D 35 -28.15 -0.45 12.01
N GLY D 36 -26.92 -0.85 11.70
CA GLY D 36 -26.67 -1.59 10.49
C GLY D 36 -26.71 -0.75 9.24
N ASP D 37 -26.52 0.56 9.38
CA ASP D 37 -26.40 1.48 8.25
C ASP D 37 -25.39 1.02 7.22
N PHE D 38 -25.74 1.23 5.96
CA PHE D 38 -24.88 0.90 4.84
C PHE D 38 -24.36 2.20 4.22
N SER D 39 -23.14 2.17 3.70
CA SER D 39 -22.62 3.25 2.89
C SER D 39 -21.88 2.68 1.69
N LEU D 40 -21.74 3.48 0.64
CA LEU D 40 -20.97 3.13 -0.53
C LEU D 40 -19.65 3.88 -0.48
N SER D 41 -18.54 3.14 -0.60
CA SER D 41 -17.22 3.71 -0.74
C SER D 41 -16.83 3.56 -2.21
N VAL D 42 -16.55 4.68 -2.88
CA VAL D 42 -16.39 4.72 -4.32
C VAL D 42 -15.08 5.40 -4.67
N LYS D 43 -14.30 4.78 -5.56
CA LYS D 43 -13.05 5.41 -6.01
C LYS D 43 -13.35 6.57 -6.96
N PHE D 44 -12.64 7.67 -6.75
CA PHE D 44 -12.65 8.80 -7.70
C PHE D 44 -11.27 9.43 -7.62
N GLY D 45 -10.51 9.29 -8.70
CA GLY D 45 -9.11 9.67 -8.65
C GLY D 45 -8.40 8.90 -7.56
N ASN D 46 -7.63 9.62 -6.76
CA ASN D 46 -6.90 9.07 -5.62
C ASN D 46 -7.72 9.10 -4.35
N ASP D 47 -8.95 9.57 -4.40
CA ASP D 47 -9.78 9.69 -3.21
C ASP D 47 -10.88 8.64 -3.24
N VAL D 48 -11.52 8.46 -2.09
CA VAL D 48 -12.68 7.60 -1.93
C VAL D 48 -13.83 8.46 -1.43
N GLN D 49 -14.88 8.56 -2.23
CA GLN D 49 -16.08 9.29 -1.82
C GLN D 49 -17.05 8.33 -1.14
N HIS D 50 -17.84 8.86 -0.21
CA HIS D 50 -18.73 8.05 0.60
C HIS D 50 -20.16 8.55 0.47
N PHE D 51 -21.06 7.63 0.15
CA PHE D 51 -22.48 7.92 -0.02
C PHE D 51 -23.26 7.11 1.01
N LYS D 52 -24.01 7.79 1.88
CA LYS D 52 -24.82 7.08 2.87
C LYS D 52 -26.04 6.45 2.19
N VAL D 53 -26.34 5.20 2.54
CA VAL D 53 -27.55 4.55 2.05
C VAL D 53 -28.68 4.87 3.03
N LEU D 54 -29.58 5.74 2.62
CA LEU D 54 -30.70 6.13 3.46
C LEU D 54 -31.82 5.10 3.34
N ARG D 55 -32.63 4.99 4.39
CA ARG D 55 -33.74 4.03 4.47
C ARG D 55 -35.02 4.77 4.81
N ASP D 56 -36.17 4.29 4.33
CA ASP D 56 -37.45 4.87 4.75
C ASP D 56 -38.22 3.88 5.64
N GLY D 57 -39.43 4.29 6.01
CA GLY D 57 -40.28 3.51 6.90
C GLY D 57 -40.87 2.26 6.27
N ALA D 58 -40.72 2.11 4.95
CA ALA D 58 -41.13 0.91 4.25
C ALA D 58 -39.95 -0.01 3.94
N GLY D 59 -38.77 0.31 4.47
CA GLY D 59 -37.59 -0.50 4.26
C GLY D 59 -36.86 -0.28 2.96
N LYS D 60 -37.24 0.73 2.17
CA LYS D 60 -36.55 0.99 0.91
C LYS D 60 -35.17 1.57 1.16
N TYR D 61 -34.34 1.50 0.11
CA TYR D 61 -32.99 2.06 0.13
C TYR D 61 -32.93 3.21 -0.87
N PHE D 62 -32.23 4.30 -0.51
CA PHE D 62 -32.07 5.38 -1.47
C PHE D 62 -30.85 6.21 -1.13
N LEU D 63 -30.32 6.90 -2.16
CA LEU D 63 -29.24 7.86 -2.02
C LEU D 63 -29.67 9.31 -2.14
N TRP D 64 -30.55 9.62 -3.10
CA TRP D 64 -30.94 11.00 -3.36
C TRP D 64 -32.45 11.13 -3.31
N VAL D 65 -33.13 10.80 -4.41
CA VAL D 65 -34.57 10.91 -4.51
C VAL D 65 -35.20 9.56 -4.87
N VAL D 66 -34.67 8.91 -5.90
CA VAL D 66 -35.26 7.65 -6.35
C VAL D 66 -35.03 6.59 -5.29
N LYS D 67 -36.07 5.81 -5.01
CA LYS D 67 -36.02 4.78 -3.98
C LYS D 67 -35.86 3.40 -4.63
N PHE D 68 -35.20 2.50 -3.91
CA PHE D 68 -34.92 1.17 -4.40
C PHE D 68 -35.34 0.12 -3.37
N ASN D 69 -35.74 -1.03 -3.89
CA ASN D 69 -36.21 -2.14 -3.07
C ASN D 69 -35.10 -3.03 -2.53
N SER D 70 -33.89 -2.94 -3.06
CA SER D 70 -32.77 -3.73 -2.55
C SER D 70 -31.46 -2.98 -2.80
N LEU D 71 -30.42 -3.38 -2.06
CA LEU D 71 -29.08 -2.87 -2.35
C LEU D 71 -28.63 -3.26 -3.75
N ASN D 72 -28.95 -4.49 -4.17
CA ASN D 72 -28.58 -4.91 -5.52
C ASN D 72 -29.17 -3.98 -6.56
N GLU D 73 -30.45 -3.62 -6.39
CA GLU D 73 -31.10 -2.77 -7.36
C GLU D 73 -30.48 -1.38 -7.37
N LEU D 74 -30.14 -0.86 -6.18
CA LEU D 74 -29.48 0.45 -6.08
C LEU D 74 -28.16 0.44 -6.83
N VAL D 75 -27.34 -0.58 -6.57
CA VAL D 75 -26.05 -0.71 -7.23
C VAL D 75 -26.23 -0.77 -8.75
N ASP D 76 -27.12 -1.66 -9.20
CA ASP D 76 -27.30 -1.83 -10.65
C ASP D 76 -27.80 -0.56 -11.31
N TYR D 77 -28.74 0.14 -10.68
CA TYR D 77 -29.22 1.41 -11.23
C TYR D 77 -28.05 2.39 -11.38
N HIS D 78 -27.19 2.46 -10.37
CA HIS D 78 -26.09 3.42 -10.43
C HIS D 78 -24.89 2.93 -11.21
N ARG D 79 -24.97 1.77 -11.86
CA ARG D 79 -23.98 1.46 -12.89
C ARG D 79 -24.15 2.28 -14.17
N SER D 80 -25.36 2.79 -14.44
CA SER D 80 -25.60 3.56 -15.65
C SER D 80 -26.14 4.96 -15.39
N THR D 81 -26.50 5.28 -14.16
CA THR D 81 -26.87 6.63 -13.76
C THR D 81 -25.88 7.05 -12.69
N SER D 82 -25.39 8.27 -12.78
CA SER D 82 -24.26 8.67 -11.94
C SER D 82 -24.61 8.54 -10.46
N VAL D 83 -23.62 8.13 -9.68
CA VAL D 83 -23.83 8.05 -8.25
C VAL D 83 -23.66 9.41 -7.58
N SER D 84 -23.04 10.38 -8.26
CA SER D 84 -22.78 11.71 -7.70
C SER D 84 -23.62 12.73 -8.45
N ARG D 85 -24.02 13.79 -7.76
CA ARG D 85 -24.82 14.82 -8.38
C ARG D 85 -23.99 15.93 -9.02
N ASN D 86 -22.67 15.82 -8.99
CA ASN D 86 -21.84 16.88 -9.57
C ASN D 86 -20.87 16.24 -10.55
N GLN D 87 -20.15 15.23 -10.06
CA GLN D 87 -19.21 14.44 -10.81
C GLN D 87 -19.89 13.26 -11.49
N GLN D 88 -19.34 12.86 -12.64
CA GLN D 88 -19.91 11.76 -13.41
C GLN D 88 -19.20 10.49 -12.93
N ILE D 89 -19.84 9.77 -12.01
CA ILE D 89 -19.25 8.58 -11.40
C ILE D 89 -20.25 7.45 -11.50
N PHE D 90 -19.81 6.30 -12.01
CA PHE D 90 -20.68 5.15 -12.24
C PHE D 90 -20.07 3.94 -11.55
N LEU D 91 -20.87 3.22 -10.78
CA LEU D 91 -20.37 2.11 -10.00
C LEU D 91 -19.83 1.02 -10.92
N ARG D 92 -18.70 0.42 -10.51
CA ARG D 92 -18.05 -0.67 -11.24
C ARG D 92 -17.56 -1.73 -10.24
N ASP D 93 -17.44 -2.97 -10.72
CA ASP D 93 -16.89 -4.04 -9.92
C ASP D 93 -15.41 -3.81 -9.65
N ILE D 94 -14.91 -4.45 -8.59
CA ILE D 94 -13.47 -4.53 -8.36
C ILE D 94 -12.83 -5.34 -9.48
N GLU D 95 -11.60 -4.99 -9.85
CA GLU D 95 -10.83 -5.75 -10.83
C GLU D 95 -9.42 -5.98 -10.34
N GLY E 1 23.97 30.73 15.28
CA GLY E 1 25.06 29.99 15.89
C GLY E 1 26.20 29.78 14.90
N PRO E 2 27.41 29.64 15.41
CA PRO E 2 28.57 29.47 14.53
C PRO E 2 28.83 28.01 14.17
N TRP E 3 29.56 27.85 13.07
CA TRP E 3 30.04 26.56 12.63
C TRP E 3 31.48 26.44 13.09
N PHE E 4 31.82 25.27 13.65
CA PHE E 4 33.19 24.93 13.99
C PHE E 4 33.68 23.81 13.08
N PHE E 5 34.92 23.94 12.58
CA PHE E 5 35.55 22.92 11.73
C PHE E 5 36.77 22.37 12.43
N GLY E 6 37.09 21.11 12.18
CA GLY E 6 38.35 20.54 12.66
C GLY E 6 38.53 19.14 12.11
N LYS E 7 39.80 18.72 12.08
CA LYS E 7 40.15 17.39 11.57
C LYS E 7 40.09 16.40 12.72
N ILE E 8 38.88 15.91 13.00
CA ILE E 8 38.73 14.86 14.00
C ILE E 8 39.05 13.55 13.27
N PRO E 9 39.83 12.64 13.90
CA PRO E 9 40.27 11.40 13.23
C PRO E 9 39.20 10.38 12.83
N ARG E 10 37.99 10.83 12.50
CA ARG E 10 36.89 9.99 12.01
C ARG E 10 36.37 9.07 13.10
N ALA E 11 37.25 8.30 13.73
CA ALA E 11 36.83 7.42 14.82
C ALA E 11 36.37 8.25 16.02
N LYS E 12 37.13 9.29 16.35
CA LYS E 12 36.75 10.20 17.43
C LYS E 12 35.51 11.00 17.06
N ALA E 13 35.38 11.37 15.78
CA ALA E 13 34.17 12.06 15.34
C ALA E 13 32.94 11.19 15.57
N GLU E 14 33.02 9.91 15.20
CA GLU E 14 31.88 9.01 15.38
C GLU E 14 31.62 8.74 16.84
N GLU E 15 32.68 8.67 17.66
CA GLU E 15 32.50 8.54 19.10
C GLU E 15 31.75 9.73 19.67
N MET E 16 32.13 10.95 19.26
CA MET E 16 31.42 12.15 19.73
C MET E 16 29.95 12.07 19.39
N LEU E 17 29.63 11.75 18.14
CA LEU E 17 28.24 11.56 17.75
C LEU E 17 27.70 10.32 18.46
N SER E 18 26.37 10.21 18.50
CA SER E 18 25.67 9.11 19.16
C SER E 18 25.76 9.24 20.67
N LYS E 19 26.78 9.93 21.18
CA LYS E 19 26.84 10.22 22.61
C LYS E 19 26.02 11.45 22.93
N GLN E 20 25.55 12.14 21.89
CA GLN E 20 24.64 13.27 21.99
C GLN E 20 23.29 12.81 22.52
N ARG E 21 22.56 13.74 23.14
CA ARG E 21 21.28 13.40 23.75
C ARG E 21 20.16 13.26 22.72
N HIS E 22 20.36 13.78 21.50
CA HIS E 22 19.35 13.83 20.47
C HIS E 22 19.83 12.99 19.30
N ASP E 23 18.94 12.14 18.76
CA ASP E 23 19.28 11.45 17.51
C ASP E 23 19.61 12.46 16.41
N GLY E 24 18.75 13.44 16.20
CA GLY E 24 18.95 14.43 15.15
C GLY E 24 20.31 15.13 15.07
N ALA E 25 21.12 14.99 16.12
CA ALA E 25 22.48 15.55 16.12
C ALA E 25 23.30 15.07 14.92
N PHE E 26 24.08 15.98 14.34
CA PHE E 26 24.76 15.70 13.10
C PHE E 26 26.09 16.44 13.02
N LEU E 27 26.91 15.97 12.10
CA LEU E 27 28.12 16.65 11.63
C LEU E 27 28.13 16.57 10.12
N ILE E 28 28.91 17.45 9.48
CA ILE E 28 29.16 17.36 8.06
C ILE E 28 30.60 16.95 7.85
N ARG E 29 30.81 15.91 7.04
CA ARG E 29 32.15 15.44 6.73
C ARG E 29 32.52 15.88 5.33
N GLU E 30 33.75 16.33 5.17
CA GLU E 30 34.24 16.79 3.87
C GLU E 30 35.27 15.78 3.38
N SER E 31 35.03 15.27 2.17
CA SER E 31 35.87 14.21 1.63
C SER E 31 37.31 14.67 1.49
N GLU E 32 38.22 13.78 1.88
CA GLU E 32 39.65 13.99 1.66
C GLU E 32 40.01 13.84 0.18
N SER E 33 39.22 13.08 -0.58
CA SER E 33 39.56 12.74 -1.95
C SER E 33 39.36 13.94 -2.89
N ALA E 34 39.61 13.70 -4.17
CA ALA E 34 39.69 14.79 -5.14
C ALA E 34 38.37 15.54 -5.35
N PRO E 35 37.23 14.88 -5.62
CA PRO E 35 35.97 15.64 -5.76
C PRO E 35 35.66 16.56 -4.59
N GLY E 36 35.99 16.15 -3.36
CA GLY E 36 35.66 16.96 -2.20
C GLY E 36 34.18 16.87 -1.89
N ASP E 37 33.66 15.65 -1.85
CA ASP E 37 32.26 15.42 -1.56
C ASP E 37 31.95 15.66 -0.10
N PHE E 38 30.69 15.99 0.17
CA PHE E 38 30.18 16.25 1.50
C PHE E 38 29.24 15.12 1.88
N SER E 39 29.23 14.79 3.17
CA SER E 39 28.27 13.83 3.70
C SER E 39 27.75 14.32 5.03
N LEU E 40 26.55 13.88 5.38
CA LEU E 40 25.96 14.15 6.69
C LEU E 40 26.09 12.90 7.53
N SER E 41 26.66 13.07 8.72
CA SER E 41 26.71 12.02 9.74
C SER E 41 25.66 12.39 10.77
N VAL E 42 24.69 11.49 10.99
CA VAL E 42 23.52 11.79 11.81
C VAL E 42 23.39 10.67 12.83
N LYS E 43 23.21 11.05 14.10
CA LYS E 43 22.99 10.05 15.14
C LYS E 43 21.59 9.46 15.03
N PHE E 44 21.50 8.16 15.23
CA PHE E 44 20.20 7.53 15.40
C PHE E 44 20.43 6.35 16.33
N GLY E 45 19.85 6.43 17.53
CA GLY E 45 20.16 5.44 18.55
C GLY E 45 21.65 5.45 18.79
N ASN E 46 22.25 4.26 18.78
CA ASN E 46 23.69 4.11 18.96
C ASN E 46 24.46 4.13 17.65
N ASP E 47 23.79 4.31 16.51
CA ASP E 47 24.47 4.26 15.23
C ASP E 47 24.58 5.66 14.63
N VAL E 48 25.41 5.76 13.59
CA VAL E 48 25.55 6.98 12.80
C VAL E 48 25.24 6.64 11.35
N GLN E 49 24.18 7.26 10.83
CA GLN E 49 23.76 7.13 9.43
C GLN E 49 24.42 8.20 8.59
N HIS E 50 24.68 7.87 7.32
CA HIS E 50 25.45 8.72 6.43
C HIS E 50 24.63 9.05 5.19
N PHE E 51 24.47 10.34 4.91
CA PHE E 51 23.72 10.81 3.75
C PHE E 51 24.67 11.56 2.83
N LYS E 52 24.80 11.09 1.60
CA LYS E 52 25.64 11.76 0.62
C LYS E 52 24.99 13.06 0.17
N VAL E 53 25.77 14.13 0.12
CA VAL E 53 25.30 15.38 -0.44
C VAL E 53 25.65 15.38 -1.92
N LEU E 54 24.64 15.17 -2.77
CA LEU E 54 24.82 15.10 -4.21
C LEU E 54 24.83 16.50 -4.82
N ARG E 55 25.51 16.63 -5.97
CA ARG E 55 25.65 17.91 -6.68
C ARG E 55 25.22 17.76 -8.14
N ASP E 56 24.61 18.81 -8.71
CA ASP E 56 24.33 18.83 -10.15
C ASP E 56 25.29 19.80 -10.87
N GLY E 57 25.07 19.94 -12.17
CA GLY E 57 25.88 20.75 -13.07
C GLY E 57 25.73 22.25 -12.90
N ALA E 58 24.79 22.69 -12.07
CA ALA E 58 24.68 24.09 -11.72
C ALA E 58 25.24 24.38 -10.32
N GLY E 59 25.86 23.39 -9.69
CA GLY E 59 26.43 23.55 -8.36
C GLY E 59 25.48 23.42 -7.19
N LYS E 60 24.23 23.03 -7.44
CA LYS E 60 23.27 22.86 -6.34
C LYS E 60 23.62 21.64 -5.50
N TYR E 61 23.07 21.61 -4.28
CA TYR E 61 23.22 20.50 -3.33
C TYR E 61 21.88 19.82 -3.11
N PHE E 62 21.88 18.49 -2.98
CA PHE E 62 20.65 17.78 -2.65
C PHE E 62 20.95 16.42 -2.04
N LEU E 63 19.95 15.89 -1.33
CA LEU E 63 19.96 14.54 -0.80
C LEU E 63 19.06 13.58 -1.55
N TRP E 64 17.84 14.01 -1.92
CA TRP E 64 16.89 13.12 -2.55
C TRP E 64 16.39 13.73 -3.85
N VAL E 65 15.42 14.65 -3.78
CA VAL E 65 14.81 15.26 -4.94
C VAL E 65 14.93 16.78 -4.92
N VAL E 66 14.52 17.40 -3.81
CA VAL E 66 14.55 18.85 -3.74
C VAL E 66 15.99 19.32 -3.68
N LYS E 67 16.31 20.37 -4.44
CA LYS E 67 17.66 20.88 -4.56
C LYS E 67 17.82 22.18 -3.77
N PHE E 68 19.04 22.41 -3.29
CA PHE E 68 19.33 23.57 -2.44
C PHE E 68 20.51 24.33 -3.00
N ASN E 69 20.47 25.65 -2.82
CA ASN E 69 21.49 26.56 -3.33
C ASN E 69 22.72 26.65 -2.44
N SER E 70 22.63 26.17 -1.20
CA SER E 70 23.77 26.17 -0.30
C SER E 70 23.66 24.99 0.64
N LEU E 71 24.80 24.62 1.22
CA LEU E 71 24.79 23.59 2.25
C LEU E 71 23.97 24.06 3.45
N ASN E 72 24.08 25.35 3.79
CA ASN E 72 23.30 25.93 4.88
C ASN E 72 21.80 25.78 4.65
N GLU E 73 21.35 26.03 3.41
CA GLU E 73 19.94 25.92 3.11
C GLU E 73 19.46 24.49 3.24
N LEU E 74 20.27 23.53 2.78
CA LEU E 74 19.93 22.10 2.92
C LEU E 74 19.75 21.74 4.38
N VAL E 75 20.71 22.14 5.22
CA VAL E 75 20.61 21.83 6.65
C VAL E 75 19.35 22.44 7.24
N ASP E 76 19.14 23.74 7.01
CA ASP E 76 18.00 24.42 7.62
C ASP E 76 16.69 23.82 7.17
N TYR E 77 16.58 23.43 5.90
CA TYR E 77 15.40 22.74 5.41
C TYR E 77 15.18 21.45 6.19
N HIS E 78 16.24 20.67 6.38
CA HIS E 78 16.05 19.39 7.06
C HIS E 78 16.00 19.51 8.57
N ARG E 79 16.01 20.74 9.10
CA ARG E 79 15.56 20.92 10.47
C ARG E 79 14.05 20.74 10.60
N SER E 80 13.31 20.84 9.49
CA SER E 80 11.85 20.72 9.54
C SER E 80 11.29 19.61 8.65
N THR E 81 12.07 19.01 7.76
CA THR E 81 11.66 17.86 6.97
C THR E 81 12.65 16.74 7.20
N SER E 82 12.15 15.53 7.41
CA SER E 82 13.00 14.42 7.81
C SER E 82 14.06 14.13 6.75
N VAL E 83 15.26 13.78 7.22
CA VAL E 83 16.35 13.40 6.32
C VAL E 83 16.28 11.97 5.82
N SER E 84 15.45 11.12 6.42
CA SER E 84 15.36 9.72 6.04
C SER E 84 14.00 9.45 5.39
N ARG E 85 13.98 8.46 4.50
CA ARG E 85 12.76 8.05 3.82
C ARG E 85 11.98 6.98 4.59
N ASN E 86 12.41 6.67 5.80
CA ASN E 86 11.77 5.67 6.65
C ASN E 86 11.50 6.29 8.01
N GLN E 87 12.51 6.30 8.87
CA GLN E 87 12.40 6.86 10.20
C GLN E 87 12.46 8.38 10.13
N GLN E 88 11.71 9.04 11.01
CA GLN E 88 11.57 10.49 11.00
C GLN E 88 12.67 11.11 11.86
N ILE E 89 13.67 11.66 11.19
CA ILE E 89 14.85 12.24 11.84
C ILE E 89 14.96 13.68 11.38
N PHE E 90 15.20 14.59 12.32
CA PHE E 90 15.31 16.01 12.04
C PHE E 90 16.65 16.50 12.57
N LEU E 91 17.40 17.21 11.72
CA LEU E 91 18.75 17.63 12.09
C LEU E 91 18.71 18.58 13.30
N ARG E 92 19.65 18.40 14.21
CA ARG E 92 19.74 19.24 15.40
C ARG E 92 21.21 19.58 15.64
N ASP E 93 21.45 20.71 16.27
CA ASP E 93 22.83 21.09 16.50
C ASP E 93 23.45 20.24 17.61
N ILE E 94 24.77 20.28 17.68
CA ILE E 94 25.49 19.58 18.74
C ILE E 94 25.15 20.20 20.08
N GLU E 95 24.96 19.35 21.09
CA GLU E 95 24.52 19.77 22.42
C GLU E 95 25.68 19.67 23.42
N PRO F 2 -8.11 27.52 -21.21
CA PRO F 2 -7.46 27.64 -22.52
C PRO F 2 -7.03 26.30 -23.08
N TRP F 3 -6.86 26.23 -24.39
CA TRP F 3 -6.36 25.04 -25.08
C TRP F 3 -4.89 25.26 -25.43
N PHE F 4 -4.08 24.27 -25.12
CA PHE F 4 -2.67 24.22 -25.48
C PHE F 4 -2.44 23.09 -26.46
N PHE F 5 -1.74 23.35 -27.56
CA PHE F 5 -1.32 22.26 -28.43
C PHE F 5 0.19 22.30 -28.66
N GLY F 6 0.78 21.12 -28.81
CA GLY F 6 2.18 21.04 -29.20
C GLY F 6 2.51 19.72 -29.86
N LYS F 7 3.79 19.60 -30.26
CA LYS F 7 4.29 18.43 -30.97
C LYS F 7 4.89 17.44 -29.98
N ILE F 8 4.00 16.73 -29.28
CA ILE F 8 4.41 15.69 -28.34
C ILE F 8 4.46 14.33 -29.02
N PRO F 9 5.52 13.53 -28.83
CA PRO F 9 5.53 12.19 -29.41
C PRO F 9 4.43 11.33 -28.81
N ARG F 10 3.65 10.69 -29.69
CA ARG F 10 2.62 9.71 -29.33
C ARG F 10 2.91 8.94 -28.04
N ALA F 11 4.11 8.36 -27.93
CA ALA F 11 4.42 7.55 -26.75
C ALA F 11 4.41 8.40 -25.48
N LYS F 12 4.99 9.61 -25.55
CA LYS F 12 4.99 10.48 -24.38
C LYS F 12 3.58 10.99 -24.07
N ALA F 13 2.81 11.32 -25.11
CA ALA F 13 1.43 11.73 -24.89
C ALA F 13 0.62 10.65 -24.19
N GLU F 14 0.76 9.40 -24.64
CA GLU F 14 -0.01 8.32 -24.01
C GLU F 14 0.50 8.03 -22.61
N GLU F 15 1.82 8.15 -22.38
CA GLU F 15 2.33 7.98 -21.03
C GLU F 15 1.73 9.03 -20.09
N MET F 16 1.74 10.30 -20.51
CA MET F 16 1.14 11.35 -19.68
C MET F 16 -0.34 11.06 -19.44
N LEU F 17 -1.07 10.68 -20.49
CA LEU F 17 -2.49 10.40 -20.38
C LEU F 17 -2.71 9.28 -19.37
N SER F 18 -2.28 8.06 -19.68
CA SER F 18 -2.34 6.94 -18.74
C SER F 18 -2.06 7.32 -17.28
N LYS F 19 -1.24 8.34 -17.04
CA LYS F 19 -0.92 8.78 -15.68
C LYS F 19 -1.96 9.70 -15.08
N GLN F 20 -2.92 10.18 -15.87
CA GLN F 20 -3.98 11.03 -15.35
C GLN F 20 -4.81 10.25 -14.33
N ARG F 21 -5.39 11.00 -13.39
CA ARG F 21 -6.10 10.38 -12.27
C ARG F 21 -7.51 9.93 -12.63
N HIS F 22 -8.09 10.45 -13.71
CA HIS F 22 -9.49 10.20 -14.01
C HIS F 22 -9.66 9.52 -15.36
N ASP F 23 -10.43 8.44 -15.38
CA ASP F 23 -10.90 7.84 -16.62
C ASP F 23 -11.69 8.88 -17.40
N GLY F 24 -11.42 8.98 -18.70
CA GLY F 24 -12.08 9.94 -19.53
C GLY F 24 -11.23 11.15 -19.85
N ALA F 25 -10.15 11.38 -19.10
CA ALA F 25 -9.18 12.39 -19.48
C ALA F 25 -8.70 12.16 -20.90
N PHE F 26 -8.56 13.23 -21.68
CA PHE F 26 -8.33 13.03 -23.10
C PHE F 26 -7.43 14.11 -23.69
N LEU F 27 -6.90 13.76 -24.85
CA LEU F 27 -6.23 14.69 -25.74
C LEU F 27 -6.82 14.49 -27.13
N ILE F 28 -6.65 15.50 -27.97
CA ILE F 28 -7.03 15.43 -29.37
C ILE F 28 -5.74 15.37 -30.16
N ARG F 29 -5.62 14.39 -31.04
CA ARG F 29 -4.47 14.25 -31.91
C ARG F 29 -4.85 14.72 -33.31
N GLU F 30 -3.97 15.47 -33.94
CA GLU F 30 -4.19 15.99 -35.28
C GLU F 30 -3.23 15.34 -36.25
N SER F 31 -3.77 14.86 -37.38
CA SER F 31 -2.98 14.11 -38.34
C SER F 31 -1.76 14.88 -38.81
N GLU F 32 -0.65 14.16 -38.91
CA GLU F 32 0.56 14.68 -39.51
C GLU F 32 0.41 14.83 -41.02
N SER F 33 -0.30 13.91 -41.66
CA SER F 33 -0.45 13.89 -43.12
C SER F 33 -1.56 14.82 -43.60
N ALA F 34 -2.73 14.75 -42.96
CA ALA F 34 -3.95 15.48 -43.32
C ALA F 34 -4.27 16.60 -42.33
N PRO F 35 -3.75 17.82 -42.50
CA PRO F 35 -4.10 18.90 -41.57
C PRO F 35 -5.60 19.00 -41.35
N GLY F 36 -5.99 19.08 -40.08
CA GLY F 36 -7.36 19.08 -39.62
C GLY F 36 -8.07 17.74 -39.59
N ASP F 37 -7.36 16.62 -39.75
CA ASP F 37 -7.87 15.27 -39.50
C ASP F 37 -7.60 14.92 -38.04
N PHE F 38 -8.63 14.54 -37.28
CA PHE F 38 -8.50 14.39 -35.84
C PHE F 38 -8.87 13.00 -35.30
N SER F 39 -8.25 12.63 -34.19
CA SER F 39 -8.69 11.50 -33.37
C SER F 39 -8.65 11.92 -31.90
N LEU F 40 -9.42 11.22 -31.07
CA LEU F 40 -9.45 11.40 -29.63
C LEU F 40 -8.70 10.27 -28.93
N SER F 41 -7.74 10.61 -28.07
CA SER F 41 -7.07 9.63 -27.21
C SER F 41 -7.62 9.81 -25.80
N VAL F 42 -8.19 8.75 -25.25
CA VAL F 42 -8.99 8.82 -24.03
C VAL F 42 -8.45 7.80 -23.03
N LYS F 43 -8.19 8.24 -21.80
CA LYS F 43 -7.74 7.32 -20.78
C LYS F 43 -8.88 6.41 -20.34
N PHE F 44 -8.56 5.12 -20.16
CA PHE F 44 -9.48 4.19 -19.51
C PHE F 44 -8.61 3.19 -18.77
N GLY F 45 -8.63 3.28 -17.44
CA GLY F 45 -7.71 2.48 -16.65
C GLY F 45 -6.29 2.77 -17.07
N ASN F 46 -5.52 1.71 -17.30
CA ASN F 46 -4.14 1.85 -17.74
C ASN F 46 -4.02 1.93 -19.24
N ASP F 47 -5.14 1.91 -19.95
CA ASP F 47 -5.14 1.91 -21.40
C ASP F 47 -5.55 3.29 -21.92
N VAL F 48 -5.30 3.49 -23.20
CA VAL F 48 -5.73 4.66 -23.96
C VAL F 48 -6.56 4.16 -25.13
N GLN F 49 -7.83 4.52 -25.16
CA GLN F 49 -8.69 4.16 -26.27
C GLN F 49 -8.65 5.28 -27.32
N HIS F 50 -8.78 4.90 -28.59
CA HIS F 50 -8.61 5.85 -29.69
C HIS F 50 -9.88 5.89 -30.52
N PHE F 51 -10.47 7.06 -30.66
CA PHE F 51 -11.70 7.24 -31.42
C PHE F 51 -11.40 8.18 -32.57
N LYS F 52 -11.58 7.71 -33.80
CA LYS F 52 -11.36 8.57 -34.95
C LYS F 52 -12.50 9.57 -35.05
N VAL F 53 -12.17 10.83 -35.33
CA VAL F 53 -13.20 11.83 -35.56
C VAL F 53 -13.63 11.66 -37.01
N LEU F 54 -14.80 11.08 -37.22
CA LEU F 54 -15.27 10.81 -38.58
C LEU F 54 -15.92 12.05 -39.18
N ARG F 55 -15.84 12.15 -40.51
CA ARG F 55 -16.46 13.23 -41.26
C ARG F 55 -17.34 12.62 -42.35
N ASP F 56 -18.51 13.21 -42.58
CA ASP F 56 -19.39 12.71 -43.63
C ASP F 56 -19.37 13.65 -44.84
N GLY F 57 -20.27 13.39 -45.79
CA GLY F 57 -20.33 14.13 -47.04
C GLY F 57 -20.85 15.54 -46.91
N ALA F 58 -21.40 15.90 -45.74
CA ALA F 58 -21.82 17.27 -45.47
C ALA F 58 -20.86 17.99 -44.54
N GLY F 59 -19.72 17.38 -44.21
CA GLY F 59 -18.80 18.03 -43.31
C GLY F 59 -19.12 17.90 -41.85
N LYS F 60 -20.13 17.09 -41.50
CA LYS F 60 -20.45 16.88 -40.09
C LYS F 60 -19.37 16.04 -39.42
N TYR F 61 -19.30 16.13 -38.09
CA TYR F 61 -18.37 15.36 -37.28
C TYR F 61 -19.14 14.31 -36.48
N PHE F 62 -18.59 13.10 -36.38
CA PHE F 62 -19.27 12.09 -35.56
C PHE F 62 -18.28 11.01 -35.14
N LEU F 63 -18.67 10.27 -34.10
CA LEU F 63 -17.94 9.08 -33.67
C LEU F 63 -18.66 7.78 -33.98
N TRP F 64 -19.97 7.72 -33.74
CA TRP F 64 -20.77 6.52 -33.90
C TRP F 64 -21.96 6.76 -34.79
N VAL F 65 -23.01 7.38 -34.24
CA VAL F 65 -24.26 7.61 -34.96
C VAL F 65 -24.63 9.09 -34.97
N VAL F 66 -24.64 9.75 -33.81
CA VAL F 66 -25.09 11.13 -33.73
C VAL F 66 -24.08 12.04 -34.42
N LYS F 67 -24.57 12.98 -35.23
CA LYS F 67 -23.69 13.86 -35.98
C LYS F 67 -23.72 15.28 -35.42
N PHE F 68 -22.58 15.96 -35.53
CA PHE F 68 -22.36 17.28 -34.97
C PHE F 68 -21.80 18.22 -36.04
N ASN F 69 -22.11 19.50 -35.87
CA ASN F 69 -21.66 20.53 -36.80
C ASN F 69 -20.22 20.97 -36.55
N SER F 70 -19.64 20.66 -35.39
CA SER F 70 -18.28 21.08 -35.09
C SER F 70 -17.60 20.06 -34.20
N LEU F 71 -16.27 20.10 -34.19
CA LEU F 71 -15.51 19.30 -33.25
C LEU F 71 -15.86 19.66 -31.81
N ASN F 72 -16.01 20.96 -31.54
CA ASN F 72 -16.37 21.41 -30.20
C ASN F 72 -17.70 20.82 -29.75
N GLU F 73 -18.69 20.76 -30.64
CA GLU F 73 -19.98 20.20 -30.25
C GLU F 73 -19.88 18.71 -29.97
N LEU F 74 -19.11 17.98 -30.78
CA LEU F 74 -18.89 16.55 -30.52
C LEU F 74 -18.25 16.33 -29.15
N VAL F 75 -17.16 17.06 -28.88
CA VAL F 75 -16.44 16.92 -27.62
C VAL F 75 -17.36 17.24 -26.45
N ASP F 76 -18.04 18.39 -26.50
CA ASP F 76 -18.88 18.79 -25.38
C ASP F 76 -20.03 17.82 -25.18
N TYR F 77 -20.63 17.32 -26.27
CA TYR F 77 -21.66 16.30 -26.13
C TYR F 77 -21.11 15.10 -25.35
N HIS F 78 -19.90 14.68 -25.67
CA HIS F 78 -19.38 13.50 -24.98
C HIS F 78 -18.76 13.80 -23.64
N ARG F 79 -18.84 15.05 -23.16
CA ARG F 79 -18.61 15.27 -21.73
C ARG F 79 -19.77 14.75 -20.87
N SER F 80 -20.96 14.60 -21.44
CA SER F 80 -22.12 14.18 -20.67
C SER F 80 -22.76 12.90 -21.14
N THR F 81 -22.35 12.39 -22.31
CA THR F 81 -22.78 11.12 -22.89
C THR F 81 -21.56 10.26 -23.18
N SER F 82 -21.62 8.98 -22.83
CA SER F 82 -20.46 8.11 -22.90
C SER F 82 -19.96 7.95 -24.35
N VAL F 83 -18.64 7.91 -24.52
CA VAL F 83 -18.07 7.61 -25.83
C VAL F 83 -18.08 6.11 -26.10
N SER F 84 -18.28 5.29 -25.07
CA SER F 84 -18.30 3.85 -25.20
C SER F 84 -19.70 3.34 -24.90
N ARG F 85 -20.08 2.23 -25.55
CA ARG F 85 -21.38 1.65 -25.32
C ARG F 85 -21.39 0.70 -24.12
N ASN F 86 -20.31 -0.06 -23.93
CA ASN F 86 -20.26 -0.97 -22.79
C ASN F 86 -19.72 -0.25 -21.56
N GLN F 87 -18.65 0.51 -21.74
CA GLN F 87 -18.01 1.28 -20.69
C GLN F 87 -18.57 2.70 -20.57
N GLN F 88 -18.70 3.19 -19.35
CA GLN F 88 -19.20 4.54 -19.13
C GLN F 88 -17.96 5.44 -19.08
N ILE F 89 -17.66 6.07 -20.22
CA ILE F 89 -16.47 6.89 -20.33
C ILE F 89 -16.91 8.26 -20.83
N PHE F 90 -16.59 9.29 -20.05
CA PHE F 90 -16.99 10.67 -20.35
C PHE F 90 -15.73 11.52 -20.44
N LEU F 91 -15.64 12.31 -21.51
CA LEU F 91 -14.47 13.14 -21.71
C LEU F 91 -14.34 14.14 -20.57
N ARG F 92 -13.10 14.32 -20.09
CA ARG F 92 -12.80 15.44 -19.20
C ARG F 92 -11.40 15.96 -19.49
N ASP F 93 -11.21 17.26 -19.21
CA ASP F 93 -9.93 17.89 -19.43
C ASP F 93 -8.88 17.25 -18.54
N ILE F 94 -7.62 17.29 -19.00
CA ILE F 94 -6.55 16.79 -18.16
C ILE F 94 -6.33 17.72 -16.98
N GLU F 95 -5.72 17.19 -15.94
CA GLU F 95 -5.55 17.94 -14.70
C GLU F 95 -4.10 17.97 -14.23
#